data_5ERQ
#
_entry.id   5ERQ
#
_cell.length_a   87.669
_cell.length_b   99.287
_cell.length_c   113.725
_cell.angle_alpha   90.00
_cell.angle_beta   90.00
_cell.angle_gamma   90.00
#
_symmetry.space_group_name_H-M   'I 2 2 2'
#
loop_
_entity.id
_entity.type
_entity.pdbx_description
1 polymer Gephyrin
2 non-polymer 'ACETATE ION'
3 non-polymer (4S)-2-METHYL-2,4-PENTANEDIOL
4 water water
#
_entity_poly.entity_id   1
_entity_poly.type   'polypeptide(L)'
_entity_poly.pdbx_seq_one_letter_code
;MSPFPLTSMDKAFITVLEMTPVLGTEIINYRDGMGRVLAQDVYAKDNLPPFPASVKDGYAVRAADGPGDRFIIGESQAGE
QPTQTVMPGQVMRVTTGAPIPCGADAVVQVEDTELIRESDDGTEELEVRILVQARPGQDIRPIGHDIKRGECVLAKGTHM
GPSEIGLLATVGVTEVEVNKFPVVAVMSTGNELLNPEDDLLPGKIRDSNRSTLLATIQEHGYPTINLGIVGDNPDDLLNA
LNEGISRADVIITSGGVSMGEKDYLKQVLDIDLHAQIHFGRVFMKPGLPTTFATLDIDGVRKIIFALPGNPVSAVVTCNL
FVVPALRKMQGILDPRPTIIKARLSCDVKLDPRPEYHRCILTWHHQEPLPWAQSTGNQMSSRLMSMRSANGLLMLPPKTE
QYVELHKGEVVDVMVIGRL
;
_entity_poly.pdbx_strand_id   A
#
loop_
_chem_comp.id
_chem_comp.type
_chem_comp.name
_chem_comp.formula
ACT non-polymer 'ACETATE ION' 'C2 H3 O2 -1'
MPD non-polymer (4S)-2-METHYL-2,4-PENTANEDIOL 'C6 H14 O2'
#
# COMPACT_ATOMS: atom_id res chain seq x y z
N MET A 1 34.49 12.53 -8.10
CA MET A 1 33.83 13.78 -8.47
C MET A 1 33.53 13.80 -9.97
N SER A 2 34.39 13.15 -10.74
CA SER A 2 34.16 12.95 -12.18
C SER A 2 35.38 12.28 -12.84
N PRO A 3 35.30 10.97 -13.09
CA PRO A 3 34.17 10.09 -12.78
C PRO A 3 33.96 9.89 -11.27
N PHE A 4 32.73 10.03 -10.83
CA PHE A 4 32.38 9.73 -9.44
C PHE A 4 32.79 8.29 -9.15
N PRO A 5 33.12 7.98 -7.89
CA PRO A 5 33.43 6.57 -7.56
C PRO A 5 32.28 5.64 -7.88
N LEU A 6 32.59 4.41 -8.25
CA LEU A 6 31.57 3.37 -8.35
C LEU A 6 31.10 2.99 -6.96
N THR A 7 29.82 3.20 -6.70
CA THR A 7 29.25 2.87 -5.41
C THR A 7 28.59 1.52 -5.54
N SER A 8 28.79 0.67 -4.54
CA SER A 8 28.14 -0.61 -4.59
C SER A 8 26.62 -0.43 -4.49
N MET A 9 25.94 -1.41 -5.03
CA MET A 9 24.51 -1.40 -5.00
C MET A 9 23.98 -1.37 -3.54
N ASP A 10 24.59 -2.18 -2.66
CA ASP A 10 24.16 -2.18 -1.25
C ASP A 10 24.40 -0.83 -0.57
N LYS A 11 25.56 -0.21 -0.82
CA LYS A 11 25.85 1.11 -0.24
C LYS A 11 24.92 2.17 -0.80
N ALA A 12 24.62 2.11 -2.10
CA ALA A 12 23.76 3.09 -2.72
C ALA A 12 22.37 3.02 -2.11
N PHE A 13 21.85 1.81 -1.95
CA PHE A 13 20.50 1.62 -1.41
C PHE A 13 20.41 2.10 0.05
N ILE A 14 21.35 1.66 0.89
CA ILE A 14 21.38 2.10 2.28
C ILE A 14 21.51 3.62 2.37
N THR A 15 22.37 4.19 1.53
CA THR A 15 22.53 5.63 1.48
C THR A 15 21.22 6.35 1.18
N VAL A 16 20.47 5.89 0.21
CA VAL A 16 19.18 6.52 -0.08
C VAL A 16 18.27 6.47 1.15
N LEU A 17 18.15 5.31 1.78
CA LEU A 17 17.22 5.18 2.90
C LEU A 17 17.72 5.99 4.11
N GLU A 18 19.04 5.98 4.38
CA GLU A 18 19.57 6.74 5.51
C GLU A 18 19.36 8.25 5.36
N MET A 19 19.51 8.76 4.15
CA MET A 19 19.53 10.20 3.93
CA MET A 19 19.53 10.20 3.93
C MET A 19 18.14 10.77 3.66
N THR A 20 17.20 9.89 3.32
CA THR A 20 15.83 10.34 3.02
C THR A 20 15.05 10.70 4.28
N PRO A 21 14.36 11.85 4.29
CA PRO A 21 13.62 12.22 5.50
C PRO A 21 12.26 11.59 5.58
N VAL A 22 11.71 11.60 6.78
CA VAL A 22 10.30 11.28 6.98
C VAL A 22 9.51 12.57 6.97
N LEU A 23 8.46 12.62 6.15
CA LEU A 23 7.68 13.86 6.05
C LEU A 23 6.89 14.08 7.34
N GLY A 24 6.49 15.33 7.52
CA GLY A 24 5.64 15.73 8.63
C GLY A 24 4.22 15.19 8.52
N THR A 25 3.39 15.61 9.47
CA THR A 25 2.07 15.01 9.63
C THR A 25 0.99 16.01 9.25
N GLU A 26 -0.20 15.46 9.02
CA GLU A 26 -1.39 16.25 8.71
C GLU A 26 -2.61 15.45 9.16
N ILE A 27 -3.71 16.17 9.36
CA ILE A 27 -4.97 15.52 9.71
C ILE A 27 -5.77 15.31 8.43
N ILE A 28 -6.26 14.08 8.24
CA ILE A 28 -7.10 13.77 7.09
C ILE A 28 -8.42 13.16 7.52
N ASN A 29 -9.37 13.18 6.60
CA ASN A 29 -10.58 12.39 6.77
C ASN A 29 -10.24 10.92 6.57
N TYR A 30 -10.87 10.07 7.35
CA TYR A 30 -10.51 8.66 7.36
C TYR A 30 -10.73 8.00 5.97
N ARG A 31 -11.67 8.50 5.20
CA ARG A 31 -11.94 7.93 3.89
C ARG A 31 -10.79 8.12 2.94
N ASP A 32 -9.95 9.09 3.25
CA ASP A 32 -8.77 9.36 2.43
C ASP A 32 -7.54 8.62 2.96
N GLY A 33 -7.73 7.66 3.86
CA GLY A 33 -6.64 6.97 4.52
C GLY A 33 -5.88 5.87 3.79
N MET A 34 -6.33 5.44 2.60
CA MET A 34 -5.69 4.32 1.95
C MET A 34 -4.21 4.58 1.68
N GLY A 35 -3.38 3.67 2.18
CA GLY A 35 -1.95 3.73 1.99
C GLY A 35 -1.26 4.68 2.94
N ARG A 36 -2.03 5.39 3.76
CA ARG A 36 -1.43 6.33 4.72
C ARG A 36 -0.91 5.57 5.94
N VAL A 37 0.03 6.19 6.62
CA VAL A 37 0.55 5.66 7.88
C VAL A 37 0.07 6.53 9.02
N LEU A 38 -0.57 5.91 10.01
CA LEU A 38 -1.03 6.66 11.18
C LEU A 38 0.11 7.25 11.96
N ALA A 39 -0.07 8.50 12.36
CA ALA A 39 0.90 9.20 13.22
C ALA A 39 0.36 9.45 14.62
N GLN A 40 -0.70 8.72 14.97
CA GLN A 40 -1.28 8.72 16.31
C GLN A 40 -1.79 7.32 16.59
N ASP A 41 -1.88 6.98 17.86
CA ASP A 41 -2.71 5.88 18.32
C ASP A 41 -4.19 6.26 18.22
N VAL A 42 -5.03 5.26 17.96
CA VAL A 42 -6.47 5.48 17.84
C VAL A 42 -7.19 4.63 18.88
N TYR A 43 -8.04 5.28 19.68
CA TYR A 43 -8.78 4.63 20.76
C TYR A 43 -10.27 4.59 20.51
N ALA A 44 -10.88 3.53 21.00
CA ALA A 44 -12.33 3.39 20.98
C ALA A 44 -12.94 4.26 22.05
N LYS A 45 -13.99 5.00 21.73
CA LYS A 45 -14.70 5.77 22.74
C LYS A 45 -16.02 5.14 23.14
N ASP A 46 -16.38 4.07 22.47
CA ASP A 46 -17.57 3.28 22.78
C ASP A 46 -17.24 1.81 22.84
N ASN A 47 -18.13 1.04 23.45
CA ASN A 47 -18.08 -0.42 23.34
C ASN A 47 -18.68 -0.94 22.03
N LEU A 48 -18.16 -2.08 21.56
CA LEU A 48 -18.78 -2.81 20.47
C LEU A 48 -18.94 -4.25 20.92
N PRO A 49 -20.18 -4.78 20.96
CA PRO A 49 -21.42 -4.03 20.79
C PRO A 49 -21.62 -3.14 22.01
N PRO A 50 -22.42 -2.06 21.86
CA PRO A 50 -22.67 -1.15 22.97
C PRO A 50 -23.86 -1.57 23.87
N PHE A 51 -24.57 -2.60 23.43
CA PHE A 51 -25.67 -3.23 24.13
C PHE A 51 -25.44 -4.74 24.00
N PRO A 52 -26.00 -5.54 24.91
CA PRO A 52 -25.91 -6.98 24.68
C PRO A 52 -26.69 -7.35 23.43
N ALA A 53 -26.08 -8.09 22.52
CA ALA A 53 -26.66 -8.32 21.21
C ALA A 53 -26.83 -9.81 20.90
N SER A 54 -27.94 -10.15 20.27
CA SER A 54 -28.15 -11.51 19.87
C SER A 54 -27.20 -11.89 18.76
N VAL A 55 -26.63 -13.09 18.87
CA VAL A 55 -25.85 -13.70 17.80
C VAL A 55 -26.72 -14.39 16.75
N LYS A 56 -27.99 -14.67 17.10
CA LYS A 56 -28.86 -15.51 16.28
C LYS A 56 -30.26 -14.95 16.05
N ASP A 57 -30.92 -15.43 15.01
CA ASP A 57 -32.36 -15.33 14.91
C ASP A 57 -32.94 -16.41 15.82
N GLY A 58 -33.85 -16.02 16.71
CA GLY A 58 -34.45 -16.99 17.60
C GLY A 58 -35.23 -16.24 18.69
N TYR A 59 -34.97 -16.62 19.95
CA TYR A 59 -35.70 -16.08 21.08
C TYR A 59 -34.80 -15.83 22.26
N ALA A 60 -35.02 -14.67 22.90
CA ALA A 60 -34.39 -14.34 24.16
C ALA A 60 -35.21 -15.00 25.27
N VAL A 61 -34.53 -15.80 26.09
CA VAL A 61 -35.21 -16.61 27.09
C VAL A 61 -34.58 -16.40 28.45
N ARG A 62 -35.26 -16.91 29.45
CA ARG A 62 -34.67 -17.18 30.76
C ARG A 62 -34.19 -18.61 30.76
N ALA A 63 -32.87 -18.81 30.87
CA ALA A 63 -32.30 -20.15 30.94
C ALA A 63 -32.92 -21.00 32.04
N ALA A 64 -33.19 -20.37 33.19
CA ALA A 64 -33.74 -21.12 34.31
C ALA A 64 -35.15 -21.67 34.06
N ASP A 65 -35.82 -21.20 33.01
CA ASP A 65 -37.12 -21.77 32.65
C ASP A 65 -36.95 -23.16 32.02
N GLY A 66 -35.79 -23.40 31.44
CA GLY A 66 -35.55 -24.68 30.79
C GLY A 66 -36.34 -24.77 29.50
N PRO A 67 -36.39 -25.97 28.93
CA PRO A 67 -37.22 -26.13 27.73
C PRO A 67 -38.71 -26.10 28.07
N GLY A 68 -39.55 -25.85 27.07
CA GLY A 68 -40.98 -25.90 27.27
C GLY A 68 -41.71 -24.89 26.42
N ASP A 69 -42.98 -24.72 26.71
CA ASP A 69 -43.88 -23.91 25.91
C ASP A 69 -43.99 -22.53 26.53
N ARG A 70 -43.78 -21.53 25.68
CA ARG A 70 -43.63 -20.15 26.11
C ARG A 70 -44.46 -19.18 25.34
N PHE A 71 -45.01 -18.19 26.04
N PHE A 71 -45.00 -18.18 26.05
CA PHE A 71 -45.66 -17.07 25.36
CA PHE A 71 -45.66 -17.05 25.41
C PHE A 71 -44.63 -16.08 24.87
C PHE A 71 -44.64 -16.05 24.88
N ILE A 72 -44.81 -15.66 23.62
CA ILE A 72 -43.96 -14.66 23.00
C ILE A 72 -44.57 -13.27 23.26
N ILE A 73 -43.87 -12.44 24.03
CA ILE A 73 -44.46 -11.16 24.44
C ILE A 73 -44.18 -10.03 23.48
N GLY A 74 -43.28 -10.25 22.52
CA GLY A 74 -42.91 -9.22 21.58
C GLY A 74 -41.67 -9.62 20.82
N GLU A 75 -41.09 -8.65 20.12
CA GLU A 75 -39.91 -8.87 19.33
C GLU A 75 -38.93 -7.75 19.56
N SER A 76 -37.66 -8.11 19.60
CA SER A 76 -36.57 -7.16 19.61
C SER A 76 -35.94 -7.20 18.22
N GLN A 77 -35.92 -6.05 17.57
CA GLN A 77 -35.42 -5.97 16.20
C GLN A 77 -34.18 -5.08 16.21
N ALA A 78 -33.28 -5.37 15.29
CA ALA A 78 -32.08 -4.57 15.15
C ALA A 78 -32.44 -3.10 15.09
N GLY A 79 -31.77 -2.28 15.92
CA GLY A 79 -31.92 -0.85 15.89
C GLY A 79 -32.87 -0.23 16.89
N GLU A 80 -33.59 -1.06 17.63
CA GLU A 80 -34.51 -0.50 18.63
C GLU A 80 -34.26 -1.12 19.99
N GLN A 81 -34.16 -0.27 20.99
CA GLN A 81 -34.07 -0.70 22.37
C GLN A 81 -35.41 -1.27 22.83
N PRO A 82 -35.42 -2.53 23.28
CA PRO A 82 -36.72 -3.05 23.73
C PRO A 82 -37.16 -2.40 25.04
N THR A 83 -38.46 -2.39 25.26
CA THR A 83 -39.05 -1.71 26.41
CA THR A 83 -39.05 -1.71 26.41
C THR A 83 -39.66 -2.72 27.38
N GLN A 84 -39.87 -3.95 26.93
CA GLN A 84 -40.48 -4.97 27.77
C GLN A 84 -39.46 -5.81 28.54
N THR A 85 -39.93 -6.33 29.66
CA THR A 85 -39.14 -7.25 30.46
C THR A 85 -39.70 -8.66 30.29
N VAL A 86 -38.81 -9.59 29.96
CA VAL A 86 -39.14 -11.00 29.87
C VAL A 86 -39.27 -11.62 31.27
N MET A 87 -40.46 -12.15 31.58
N MET A 87 -40.45 -12.13 31.58
CA MET A 87 -40.72 -12.78 32.86
CA MET A 87 -40.71 -12.78 32.87
C MET A 87 -40.72 -14.30 32.71
C MET A 87 -40.66 -14.30 32.71
N PRO A 88 -40.63 -15.03 33.84
CA PRO A 88 -40.67 -16.50 33.75
C PRO A 88 -41.85 -17.01 32.91
N GLY A 89 -41.56 -17.95 32.02
CA GLY A 89 -42.57 -18.54 31.14
C GLY A 89 -42.75 -17.80 29.83
N GLN A 90 -41.98 -16.72 29.65
CA GLN A 90 -42.08 -15.86 28.48
C GLN A 90 -40.79 -15.82 27.72
N VAL A 91 -40.89 -15.44 26.44
CA VAL A 91 -39.72 -15.17 25.63
C VAL A 91 -39.99 -13.97 24.75
N MET A 92 -38.94 -13.41 24.15
CA MET A 92 -39.09 -12.35 23.15
C MET A 92 -38.40 -12.82 21.87
N ARG A 93 -39.04 -12.67 20.72
CA ARG A 93 -38.35 -12.98 19.47
C ARG A 93 -37.18 -12.02 19.29
N VAL A 94 -36.06 -12.54 18.78
CA VAL A 94 -34.90 -11.69 18.47
C VAL A 94 -34.38 -12.01 17.08
N THR A 95 -33.74 -11.02 16.48
CA THR A 95 -33.01 -11.25 15.25
C THR A 95 -31.54 -11.02 15.52
N THR A 96 -30.69 -11.50 14.63
CA THR A 96 -29.26 -11.25 14.76
C THR A 96 -28.96 -9.75 14.86
N GLY A 97 -28.20 -9.40 15.89
CA GLY A 97 -27.81 -8.02 16.15
C GLY A 97 -28.78 -7.25 17.01
N ALA A 98 -29.93 -7.83 17.33
CA ALA A 98 -30.89 -7.11 18.13
C ALA A 98 -30.50 -7.07 19.58
N PRO A 99 -30.92 -6.01 20.30
CA PRO A 99 -30.58 -5.98 21.72
C PRO A 99 -31.35 -7.00 22.52
N ILE A 100 -30.70 -7.57 23.53
CA ILE A 100 -31.37 -8.49 24.42
C ILE A 100 -32.21 -7.72 25.43
N PRO A 101 -33.50 -8.06 25.56
CA PRO A 101 -34.34 -7.35 26.51
C PRO A 101 -34.01 -7.65 27.96
N CYS A 102 -34.39 -6.72 28.84
CA CYS A 102 -34.38 -6.98 30.28
C CYS A 102 -35.09 -8.27 30.61
N GLY A 103 -34.56 -9.03 31.55
CA GLY A 103 -35.24 -10.22 32.03
C GLY A 103 -34.75 -11.48 31.34
N ALA A 104 -34.19 -11.35 30.14
CA ALA A 104 -33.65 -12.52 29.45
C ALA A 104 -32.16 -12.63 29.67
N ASP A 105 -31.66 -13.86 29.65
CA ASP A 105 -30.23 -14.09 29.88
C ASP A 105 -29.59 -15.05 28.89
N ALA A 106 -30.34 -15.49 27.89
CA ALA A 106 -29.80 -16.37 26.87
C ALA A 106 -30.63 -16.25 25.61
N VAL A 107 -30.05 -16.68 24.50
CA VAL A 107 -30.78 -16.78 23.24
C VAL A 107 -30.78 -18.21 22.74
N VAL A 108 -31.95 -18.66 22.31
CA VAL A 108 -32.11 -19.98 21.71
C VAL A 108 -32.41 -19.75 20.25
N GLN A 109 -31.58 -20.34 19.39
CA GLN A 109 -31.73 -20.13 17.98
C GLN A 109 -33.01 -20.82 17.47
N VAL A 110 -33.58 -20.25 16.42
CA VAL A 110 -34.90 -20.68 15.94
C VAL A 110 -34.92 -22.17 15.56
N GLU A 111 -33.80 -22.70 15.12
CA GLU A 111 -33.75 -24.12 14.74
C GLU A 111 -33.99 -25.06 15.94
N ASP A 112 -33.78 -24.55 17.17
CA ASP A 112 -34.00 -25.32 18.38
C ASP A 112 -35.37 -25.04 19.00
N THR A 113 -36.31 -24.61 18.17
CA THR A 113 -37.67 -24.32 18.59
C THR A 113 -38.66 -24.83 17.59
N GLU A 114 -39.92 -24.88 17.99
CA GLU A 114 -41.04 -25.15 17.11
C GLU A 114 -42.15 -24.17 17.45
N LEU A 115 -42.72 -23.54 16.44
CA LEU A 115 -43.77 -22.58 16.69
CA LEU A 115 -43.82 -22.60 16.64
C LEU A 115 -45.07 -23.33 17.05
N ILE A 116 -45.77 -22.79 18.06
CA ILE A 116 -47.03 -23.38 18.49
C ILE A 116 -48.23 -22.63 17.92
N ARG A 117 -48.22 -21.31 18.07
CA ARG A 117 -49.34 -20.47 17.67
CA ARG A 117 -49.35 -20.47 17.65
C ARG A 117 -48.86 -19.20 17.02
N GLU A 118 -49.63 -18.72 16.05
CA GLU A 118 -49.39 -17.45 15.41
C GLU A 118 -50.73 -16.75 15.24
N SER A 119 -50.67 -15.46 14.92
CA SER A 119 -51.87 -14.68 14.72
C SER A 119 -52.65 -15.24 13.52
N ASP A 120 -53.94 -14.94 13.46
CA ASP A 120 -54.81 -15.42 12.38
C ASP A 120 -54.30 -15.02 11.01
N ASP A 121 -53.65 -13.86 10.89
CA ASP A 121 -53.15 -13.44 9.59
C ASP A 121 -51.73 -13.91 9.36
N GLY A 122 -51.16 -14.63 10.33
CA GLY A 122 -49.83 -15.20 10.19
C GLY A 122 -48.68 -14.25 10.38
N THR A 123 -48.94 -13.00 10.75
CA THR A 123 -47.86 -12.01 10.81
C THR A 123 -47.12 -11.95 12.13
N GLU A 124 -47.75 -12.45 13.20
CA GLU A 124 -47.15 -12.36 14.53
C GLU A 124 -47.11 -13.74 15.17
N GLU A 125 -45.96 -14.09 15.72
CA GLU A 125 -45.80 -15.34 16.48
C GLU A 125 -46.29 -15.12 17.91
N LEU A 126 -47.03 -16.07 18.47
CA LEU A 126 -47.66 -15.93 19.78
C LEU A 126 -47.14 -16.88 20.85
N GLU A 127 -46.77 -18.10 20.46
CA GLU A 127 -46.37 -19.13 21.41
C GLU A 127 -45.37 -20.03 20.73
N VAL A 128 -44.32 -20.42 21.45
CA VAL A 128 -43.24 -21.24 20.88
C VAL A 128 -42.78 -22.29 21.86
N ARG A 129 -42.38 -23.44 21.32
CA ARG A 129 -41.77 -24.50 22.13
C ARG A 129 -40.27 -24.38 22.04
N ILE A 130 -39.62 -24.23 23.19
CA ILE A 130 -38.17 -24.16 23.32
C ILE A 130 -37.70 -25.58 23.57
N LEU A 131 -36.92 -26.14 22.65
CA LEU A 131 -36.61 -27.57 22.68
C LEU A 131 -35.38 -27.90 23.47
N VAL A 132 -34.58 -26.90 23.81
CA VAL A 132 -33.28 -27.16 24.45
C VAL A 132 -33.16 -26.44 25.78
N GLN A 133 -32.16 -26.87 26.56
CA GLN A 133 -31.75 -26.20 27.77
C GLN A 133 -30.64 -25.22 27.41
N ALA A 134 -30.94 -23.92 27.44
CA ALA A 134 -29.94 -22.92 27.12
C ALA A 134 -28.90 -22.89 28.22
N ARG A 135 -27.66 -22.67 27.81
CA ARG A 135 -26.55 -22.38 28.70
C ARG A 135 -26.60 -20.89 29.04
N PRO A 136 -26.22 -20.51 30.26
CA PRO A 136 -26.35 -19.07 30.56
C PRO A 136 -25.51 -18.21 29.62
N GLY A 137 -26.09 -17.11 29.16
CA GLY A 137 -25.43 -16.22 28.22
C GLY A 137 -25.25 -16.74 26.81
N GLN A 138 -25.84 -17.87 26.47
CA GLN A 138 -25.60 -18.46 25.16
CA GLN A 138 -25.58 -18.45 25.15
C GLN A 138 -26.13 -17.56 24.05
N ASP A 139 -25.37 -17.47 22.97
CA ASP A 139 -25.76 -16.75 21.76
C ASP A 139 -26.06 -15.26 22.02
N ILE A 140 -25.37 -14.72 23.02
CA ILE A 140 -25.36 -13.28 23.27
C ILE A 140 -23.94 -12.75 23.22
N ARG A 141 -23.75 -11.62 22.52
CA ARG A 141 -22.49 -10.87 22.59
C ARG A 141 -22.61 -9.82 23.67
N PRO A 142 -21.89 -9.95 24.79
CA PRO A 142 -22.04 -8.97 25.85
C PRO A 142 -21.47 -7.62 25.44
N ILE A 143 -21.85 -6.57 26.16
CA ILE A 143 -21.29 -5.26 25.90
C ILE A 143 -19.77 -5.33 25.87
N GLY A 144 -19.16 -4.79 24.83
CA GLY A 144 -17.71 -4.68 24.79
C GLY A 144 -17.00 -5.97 24.40
N HIS A 145 -17.74 -6.99 23.98
CA HIS A 145 -17.12 -8.25 23.58
C HIS A 145 -16.06 -8.08 22.50
N ASP A 146 -16.31 -7.20 21.54
CA ASP A 146 -15.42 -7.08 20.39
C ASP A 146 -14.43 -5.94 20.58
N ILE A 147 -14.91 -4.80 21.10
CA ILE A 147 -14.10 -3.60 21.35
C ILE A 147 -14.60 -2.99 22.64
N LYS A 148 -13.69 -2.62 23.54
CA LYS A 148 -14.03 -1.92 24.77
C LYS A 148 -13.75 -0.45 24.69
N ARG A 149 -14.61 0.36 25.31
CA ARG A 149 -14.32 1.77 25.43
C ARG A 149 -12.95 1.93 26.08
N GLY A 150 -12.09 2.76 25.48
CA GLY A 150 -10.77 3.02 26.03
C GLY A 150 -9.66 2.14 25.47
N GLU A 151 -10.04 1.14 24.68
CA GLU A 151 -9.10 0.24 24.02
C GLU A 151 -8.40 0.95 22.88
N CYS A 152 -7.09 0.79 22.79
CA CYS A 152 -6.36 1.21 21.59
C CYS A 152 -6.58 0.20 20.47
N VAL A 153 -7.19 0.64 19.37
CA VAL A 153 -7.56 -0.26 18.31
C VAL A 153 -6.60 -0.20 17.13
N LEU A 154 -5.89 0.92 16.99
CA LEU A 154 -4.85 1.06 15.96
C LEU A 154 -3.67 1.81 16.53
N ALA A 155 -2.48 1.29 16.29
CA ALA A 155 -1.24 1.91 16.77
C ALA A 155 -0.65 2.84 15.75
N LYS A 156 -0.02 3.90 16.24
CA LYS A 156 0.79 4.72 15.37
C LYS A 156 1.82 3.84 14.67
N GLY A 157 1.99 4.16 13.38
CA GLY A 157 2.89 3.41 12.51
C GLY A 157 2.18 2.43 11.60
N THR A 158 0.88 2.24 11.85
CA THR A 158 0.10 1.31 11.03
C THR A 158 -0.09 1.88 9.62
N HIS A 159 0.21 1.07 8.62
CA HIS A 159 0.02 1.37 7.22
C HIS A 159 -1.35 0.86 6.82
N MET A 160 -2.28 1.77 6.54
CA MET A 160 -3.69 1.44 6.43
C MET A 160 -4.17 0.93 5.09
N GLY A 161 -5.03 -0.08 5.18
CA GLY A 161 -5.76 -0.61 4.04
C GLY A 161 -7.24 -0.55 4.36
N PRO A 162 -8.08 -1.22 3.55
CA PRO A 162 -9.52 -1.11 3.70
C PRO A 162 -10.06 -1.52 5.08
N SER A 163 -9.48 -2.55 5.69
CA SER A 163 -9.97 -2.97 6.98
C SER A 163 -9.68 -1.96 8.09
N GLU A 164 -8.54 -1.28 7.99
CA GLU A 164 -8.23 -0.22 8.95
C GLU A 164 -9.18 0.97 8.76
N ILE A 165 -9.52 1.32 7.52
CA ILE A 165 -10.49 2.38 7.27
CA ILE A 165 -10.49 2.38 7.28
C ILE A 165 -11.83 1.99 7.91
N GLY A 166 -12.22 0.72 7.75
CA GLY A 166 -13.45 0.24 8.35
C GLY A 166 -13.45 0.27 9.86
N LEU A 167 -12.30 -0.01 10.45
CA LEU A 167 -12.16 0.06 11.89
C LEU A 167 -12.27 1.52 12.39
N LEU A 168 -11.68 2.47 11.69
CA LEU A 168 -11.89 3.88 12.01
C LEU A 168 -13.37 4.24 11.96
N ALA A 169 -14.08 3.74 10.96
CA ALA A 169 -15.49 4.01 10.84
C ALA A 169 -16.24 3.43 12.03
N THR A 170 -15.88 2.20 12.39
CA THR A 170 -16.52 1.49 13.52
C THR A 170 -16.45 2.30 14.80
N VAL A 171 -15.27 2.85 15.08
CA VAL A 171 -15.07 3.56 16.33
C VAL A 171 -15.35 5.03 16.21
N GLY A 172 -15.75 5.50 15.03
CA GLY A 172 -16.17 6.88 14.89
C GLY A 172 -15.05 7.89 14.90
N VAL A 173 -13.84 7.44 14.58
CA VAL A 173 -12.69 8.35 14.56
C VAL A 173 -12.48 8.70 13.11
N THR A 174 -13.13 9.78 12.69
CA THR A 174 -13.25 10.08 11.28
C THR A 174 -12.17 11.04 10.79
N GLU A 175 -11.39 11.61 11.71
CA GLU A 175 -10.27 12.50 11.40
C GLU A 175 -9.06 11.91 12.10
N VAL A 176 -7.97 11.72 11.37
CA VAL A 176 -6.77 11.12 11.93
C VAL A 176 -5.51 11.78 11.45
N GLU A 177 -4.51 11.77 12.34
CA GLU A 177 -3.19 12.27 11.99
CA GLU A 177 -3.17 12.25 12.01
C GLU A 177 -2.40 11.19 11.27
N VAL A 178 -1.84 11.54 10.12
CA VAL A 178 -1.05 10.65 9.29
C VAL A 178 0.20 11.39 8.77
N ASN A 179 1.19 10.65 8.30
CA ASN A 179 2.26 11.32 7.52
C ASN A 179 1.76 11.80 6.20
N LYS A 180 2.27 12.94 5.78
CA LYS A 180 2.07 13.44 4.43
C LYS A 180 2.64 12.45 3.40
N PHE A 181 2.04 12.52 2.20
CA PHE A 181 2.62 11.88 1.05
C PHE A 181 3.59 12.83 0.33
N PRO A 182 4.69 12.29 -0.20
CA PRO A 182 5.57 13.14 -0.99
C PRO A 182 4.97 13.56 -2.32
N VAL A 183 5.20 14.82 -2.67
CA VAL A 183 4.90 15.38 -3.98
C VAL A 183 6.16 15.21 -4.81
N VAL A 184 6.03 14.59 -5.99
CA VAL A 184 7.18 14.18 -6.78
C VAL A 184 7.12 14.86 -8.14
N ALA A 185 8.13 15.68 -8.41
CA ALA A 185 8.25 16.37 -9.68
C ALA A 185 9.18 15.58 -10.57
N VAL A 186 8.80 15.45 -11.84
CA VAL A 186 9.59 14.72 -12.83
C VAL A 186 9.85 15.58 -14.06
N MET A 187 11.10 15.61 -14.49
CA MET A 187 11.51 16.30 -15.71
CA MET A 187 11.51 16.30 -15.73
C MET A 187 12.41 15.39 -16.54
N SER A 188 12.52 15.68 -17.83
CA SER A 188 13.44 14.97 -18.69
C SER A 188 14.39 16.00 -19.25
N THR A 189 15.63 15.61 -19.48
CA THR A 189 16.58 16.49 -20.13
CA THR A 189 16.55 16.50 -20.15
C THR A 189 17.20 15.80 -21.33
N GLY A 190 17.44 16.58 -22.37
CA GLY A 190 18.08 16.11 -23.59
C GLY A 190 17.56 16.86 -24.79
N ASN A 191 18.47 17.39 -25.58
CA ASN A 191 18.12 18.15 -26.77
C ASN A 191 17.43 17.32 -27.86
N GLU A 192 17.53 16.01 -27.76
CA GLU A 192 16.89 15.15 -28.74
C GLU A 192 15.41 14.89 -28.47
N LEU A 193 14.92 15.31 -27.30
CA LEU A 193 13.59 14.92 -26.88
C LEU A 193 12.47 15.85 -27.35
N LEU A 194 11.39 15.19 -27.81
CA LEU A 194 10.10 15.81 -28.12
C LEU A 194 9.02 15.28 -27.16
N ASN A 195 7.93 16.01 -27.07
CA ASN A 195 6.81 15.50 -26.28
C ASN A 195 6.11 14.37 -27.02
N PRO A 196 5.48 13.48 -26.26
CA PRO A 196 4.71 12.39 -26.87
C PRO A 196 3.74 12.86 -27.95
N GLU A 197 3.14 14.04 -27.77
CA GLU A 197 2.18 14.57 -28.71
C GLU A 197 2.77 15.06 -30.03
N ASP A 198 4.11 15.13 -30.12
CA ASP A 198 4.78 15.69 -31.29
C ASP A 198 5.04 14.67 -32.40
N ASP A 199 4.88 15.10 -33.63
CA ASP A 199 5.46 14.40 -34.76
C ASP A 199 6.98 14.53 -34.69
N LEU A 200 7.69 13.55 -35.24
CA LEU A 200 9.13 13.61 -35.21
C LEU A 200 9.68 14.70 -36.11
N LEU A 201 10.83 15.21 -35.71
CA LEU A 201 11.63 16.17 -36.46
C LEU A 201 13.02 15.57 -36.61
N PRO A 202 13.83 16.03 -37.57
CA PRO A 202 15.16 15.44 -37.73
C PRO A 202 16.00 15.46 -36.47
N GLY A 203 16.60 14.31 -36.17
CA GLY A 203 17.49 14.19 -35.04
C GLY A 203 16.81 13.97 -33.72
N LYS A 204 15.47 13.87 -33.71
CA LYS A 204 14.69 13.82 -32.47
C LYS A 204 13.93 12.51 -32.27
N ILE A 205 13.61 12.25 -31.01
CA ILE A 205 12.77 11.12 -30.61
C ILE A 205 11.78 11.58 -29.55
N ARG A 206 10.72 10.80 -29.30
CA ARG A 206 9.79 11.20 -28.24
C ARG A 206 10.32 10.80 -26.86
N ASP A 207 10.05 11.66 -25.89
CA ASP A 207 10.34 11.42 -24.48
C ASP A 207 9.37 10.42 -23.90
N SER A 208 9.88 9.26 -23.50
CA SER A 208 9.06 8.27 -22.83
C SER A 208 9.28 8.22 -21.33
N ASN A 209 10.41 8.77 -20.87
CA ASN A 209 10.78 8.55 -19.48
C ASN A 209 9.87 9.27 -18.53
N ARG A 210 9.50 10.50 -18.86
CA ARG A 210 8.58 11.25 -18.02
C ARG A 210 7.31 10.45 -17.79
N SER A 211 6.74 9.92 -18.87
CA SER A 211 5.50 9.17 -18.79
C SER A 211 5.65 7.90 -17.94
N THR A 212 6.72 7.15 -18.15
CA THR A 212 6.91 5.90 -17.46
C THR A 212 7.12 6.16 -15.99
N LEU A 213 7.93 7.16 -15.70
CA LEU A 213 8.25 7.48 -14.31
C LEU A 213 7.04 8.03 -13.59
N LEU A 214 6.33 8.98 -14.21
CA LEU A 214 5.13 9.51 -13.56
C LEU A 214 4.12 8.40 -13.30
N ALA A 215 3.91 7.52 -14.27
CA ALA A 215 2.97 6.43 -14.07
C ALA A 215 3.40 5.51 -12.94
N THR A 216 4.69 5.20 -12.86
CA THR A 216 5.21 4.37 -11.76
C THR A 216 4.92 5.01 -10.43
N ILE A 217 5.14 6.32 -10.32
CA ILE A 217 4.94 7.00 -9.04
CA ILE A 217 4.95 7.01 -9.05
C ILE A 217 3.46 7.07 -8.70
N GLN A 218 2.63 7.36 -9.69
CA GLN A 218 1.19 7.41 -9.52
C GLN A 218 0.62 6.05 -9.10
N GLU A 219 1.23 4.97 -9.59
CA GLU A 219 0.77 3.63 -9.25
C GLU A 219 0.88 3.38 -7.77
N HIS A 220 1.83 4.06 -7.14
CA HIS A 220 2.03 3.90 -5.71
C HIS A 220 1.23 4.90 -4.88
N GLY A 221 0.47 5.75 -5.55
CA GLY A 221 -0.48 6.65 -4.92
C GLY A 221 0.02 8.05 -4.57
N TYR A 222 1.20 8.43 -5.06
CA TYR A 222 1.78 9.71 -4.69
C TYR A 222 1.46 10.79 -5.70
N PRO A 223 1.23 12.01 -5.25
CA PRO A 223 0.95 13.11 -6.17
C PRO A 223 2.20 13.47 -6.98
N THR A 224 1.99 13.85 -8.22
CA THR A 224 3.09 14.15 -9.12
C THR A 224 2.92 15.49 -9.82
N ILE A 225 4.05 16.00 -10.30
CA ILE A 225 4.09 17.23 -11.10
C ILE A 225 4.95 16.96 -12.32
N ASN A 226 4.44 17.25 -13.51
CA ASN A 226 5.17 17.07 -14.75
C ASN A 226 5.88 18.37 -15.10
N LEU A 227 7.21 18.39 -14.96
CA LEU A 227 7.99 19.59 -15.22
C LEU A 227 8.50 19.66 -16.66
N GLY A 228 8.11 18.70 -17.48
CA GLY A 228 8.40 18.81 -18.90
C GLY A 228 9.82 18.48 -19.31
N ILE A 229 10.15 18.88 -20.51
CA ILE A 229 11.47 18.68 -21.09
C ILE A 229 12.29 19.91 -20.88
N VAL A 230 13.52 19.72 -20.40
CA VAL A 230 14.44 20.79 -20.13
C VAL A 230 15.63 20.64 -21.06
N GLY A 231 16.07 21.75 -21.63
CA GLY A 231 17.21 21.77 -22.50
C GLY A 231 18.45 21.39 -21.71
N ASP A 232 19.38 20.72 -22.35
CA ASP A 232 20.60 20.29 -21.70
CA ASP A 232 20.60 20.30 -21.69
C ASP A 232 21.60 21.45 -21.60
N ASN A 233 21.27 22.43 -20.76
CA ASN A 233 22.19 23.54 -20.48
C ASN A 233 22.00 24.06 -19.05
N PRO A 234 23.09 24.59 -18.45
CA PRO A 234 23.08 24.99 -17.04
C PRO A 234 21.95 25.95 -16.62
N ASP A 235 21.65 26.98 -17.40
CA ASP A 235 20.62 27.94 -16.98
C ASP A 235 19.23 27.30 -16.91
N ASP A 236 18.83 26.64 -17.98
CA ASP A 236 17.52 25.98 -18.01
C ASP A 236 17.41 24.88 -16.95
N LEU A 237 18.47 24.10 -16.76
CA LEU A 237 18.43 23.07 -15.73
C LEU A 237 18.27 23.69 -14.33
N LEU A 238 19.04 24.74 -14.04
CA LEU A 238 18.92 25.39 -12.73
C LEU A 238 17.48 25.88 -12.50
N ASN A 239 16.89 26.54 -13.49
CA ASN A 239 15.54 27.07 -13.35
C ASN A 239 14.53 25.97 -13.11
N ALA A 240 14.66 24.88 -13.85
CA ALA A 240 13.74 23.76 -13.69
C ALA A 240 13.89 23.13 -12.31
N LEU A 241 15.13 22.95 -11.86
CA LEU A 241 15.37 22.37 -10.54
C LEU A 241 14.80 23.28 -9.45
N ASN A 242 14.96 24.59 -9.61
CA ASN A 242 14.44 25.51 -8.61
C ASN A 242 12.91 25.45 -8.55
N GLU A 243 12.26 25.32 -9.69
CA GLU A 243 10.82 25.11 -9.75
C GLU A 243 10.44 23.82 -9.03
N GLY A 244 11.15 22.73 -9.34
CA GLY A 244 10.91 21.47 -8.65
C GLY A 244 11.04 21.56 -7.14
N ILE A 245 12.08 22.23 -6.67
CA ILE A 245 12.32 22.41 -5.26
CA ILE A 245 12.32 22.41 -5.26
C ILE A 245 11.18 23.18 -4.59
N SER A 246 10.70 24.20 -5.29
CA SER A 246 9.62 25.04 -4.78
C SER A 246 8.30 24.25 -4.68
N ARG A 247 8.06 23.39 -5.66
CA ARG A 247 6.76 22.76 -5.85
C ARG A 247 6.65 21.37 -5.26
N ALA A 248 7.78 20.75 -4.95
CA ALA A 248 7.77 19.33 -4.63
C ALA A 248 8.75 18.95 -3.54
N ASP A 249 8.57 17.75 -3.01
CA ASP A 249 9.47 17.20 -1.98
C ASP A 249 10.63 16.39 -2.58
N VAL A 250 10.38 15.90 -3.78
CA VAL A 250 11.28 15.00 -4.50
C VAL A 250 11.33 15.48 -5.94
N ILE A 251 12.54 15.54 -6.51
CA ILE A 251 12.73 15.89 -7.89
C ILE A 251 13.42 14.70 -8.55
N ILE A 252 12.85 14.23 -9.64
CA ILE A 252 13.42 13.18 -10.45
C ILE A 252 13.72 13.77 -11.82
N THR A 253 14.94 13.62 -12.29
CA THR A 253 15.35 14.00 -13.62
C THR A 253 15.77 12.71 -14.35
N SER A 254 15.69 12.69 -15.67
CA SER A 254 16.24 11.61 -16.47
CA SER A 254 16.34 11.63 -16.38
C SER A 254 17.10 12.28 -17.51
N GLY A 255 18.26 11.69 -17.81
CA GLY A 255 19.18 12.23 -18.82
C GLY A 255 20.26 13.11 -18.22
N GLY A 256 21.27 13.43 -19.04
CA GLY A 256 22.34 14.36 -18.65
C GLY A 256 23.30 13.93 -17.55
N VAL A 257 23.44 12.63 -17.30
CA VAL A 257 24.30 12.15 -16.20
C VAL A 257 25.38 11.14 -16.61
N SER A 258 25.50 10.83 -17.89
CA SER A 258 26.64 10.03 -18.33
C SER A 258 27.82 10.99 -18.49
N MET A 259 28.95 10.48 -18.96
CA MET A 259 30.15 11.30 -19.07
C MET A 259 30.28 11.88 -20.47
N GLY A 260 30.30 13.21 -20.56
CA GLY A 260 30.43 13.89 -21.84
C GLY A 260 29.67 15.21 -21.82
N GLU A 261 29.18 15.64 -22.98
CA GLU A 261 28.32 16.81 -23.05
C GLU A 261 27.04 16.54 -22.29
N LYS A 262 27.19 16.35 -20.98
CA LYS A 262 26.11 15.84 -20.16
C LYS A 262 26.19 16.37 -18.76
N ASP A 263 27.40 16.32 -18.21
N ASP A 263 27.34 16.24 -18.12
CA ASP A 263 27.69 16.77 -16.86
CA ASP A 263 27.41 16.53 -16.70
C ASP A 263 27.48 18.28 -16.69
C ASP A 263 27.36 18.02 -16.42
N TYR A 264 26.40 18.80 -17.23
N TYR A 264 26.53 18.73 -17.17
CA TYR A 264 25.87 20.07 -16.79
CA TYR A 264 26.01 20.00 -16.71
C TYR A 264 25.08 19.77 -15.53
C TYR A 264 25.19 19.70 -15.46
N LEU A 265 24.41 18.61 -15.51
CA LEU A 265 23.46 18.31 -14.43
C LEU A 265 24.18 18.05 -13.11
N LYS A 266 25.11 17.09 -13.07
CA LYS A 266 25.85 16.85 -11.83
C LYS A 266 26.60 18.13 -11.42
N GLN A 267 27.16 18.85 -12.39
CA GLN A 267 27.79 20.15 -12.11
C GLN A 267 26.81 21.21 -11.58
N VAL A 268 25.60 21.26 -12.11
CA VAL A 268 24.64 22.26 -11.68
C VAL A 268 24.15 21.93 -10.25
N LEU A 269 23.96 20.64 -9.98
CA LEU A 269 23.53 20.20 -8.66
C LEU A 269 24.53 20.68 -7.62
N ASP A 270 25.81 20.57 -7.94
CA ASP A 270 26.86 20.84 -6.97
C ASP A 270 27.13 22.35 -6.86
N ILE A 271 27.48 22.99 -7.97
CA ILE A 271 27.97 24.37 -7.93
C ILE A 271 26.87 25.41 -7.85
N ASP A 272 25.76 25.19 -8.55
CA ASP A 272 24.71 26.20 -8.64
C ASP A 272 23.61 26.01 -7.61
N LEU A 273 23.20 24.75 -7.42
CA LEU A 273 22.12 24.44 -6.49
C LEU A 273 22.66 24.26 -5.06
N HIS A 274 23.96 23.96 -4.94
CA HIS A 274 24.61 23.73 -3.65
C HIS A 274 24.08 22.47 -2.94
N ALA A 275 23.75 21.47 -3.75
CA ALA A 275 23.27 20.19 -3.22
C ALA A 275 24.42 19.25 -2.93
N GLN A 276 24.16 18.26 -2.07
CA GLN A 276 25.16 17.27 -1.69
C GLN A 276 24.92 15.99 -2.47
N ILE A 277 25.81 15.70 -3.41
CA ILE A 277 25.69 14.49 -4.20
C ILE A 277 26.30 13.37 -3.40
N HIS A 278 25.50 12.35 -3.08
CA HIS A 278 25.97 11.27 -2.23
C HIS A 278 26.58 10.12 -3.03
N PHE A 279 26.04 9.85 -4.21
CA PHE A 279 26.72 9.01 -5.18
C PHE A 279 26.36 9.47 -6.58
N GLY A 280 27.28 9.24 -7.53
CA GLY A 280 27.07 9.64 -8.91
C GLY A 280 27.25 8.50 -9.90
N ARG A 281 27.68 7.34 -9.40
CA ARG A 281 27.74 6.13 -10.21
C ARG A 281 27.47 4.95 -9.31
N VAL A 282 26.75 3.97 -9.83
CA VAL A 282 26.43 2.76 -9.07
C VAL A 282 26.88 1.55 -9.88
N PHE A 283 27.52 0.62 -9.20
CA PHE A 283 27.99 -0.62 -9.84
C PHE A 283 26.79 -1.59 -10.01
N MET A 284 26.02 -1.32 -11.05
CA MET A 284 24.80 -2.06 -11.35
C MET A 284 24.55 -2.06 -12.85
N LYS A 285 23.76 -3.02 -13.30
CA LYS A 285 23.38 -3.15 -14.72
C LYS A 285 21.87 -3.38 -14.85
N PRO A 286 21.14 -2.49 -15.51
CA PRO A 286 21.54 -1.16 -16.02
C PRO A 286 21.61 -0.19 -14.85
N GLY A 287 22.06 1.04 -15.09
CA GLY A 287 21.88 2.11 -14.09
C GLY A 287 23.17 2.72 -13.62
N LEU A 288 24.27 2.44 -14.31
CA LEU A 288 25.59 2.94 -13.95
C LEU A 288 25.62 4.43 -13.55
N PRO A 289 24.95 5.31 -14.31
CA PRO A 289 25.21 6.74 -14.01
C PRO A 289 24.23 7.35 -13.00
N THR A 290 23.45 6.50 -12.33
CA THR A 290 22.45 6.95 -11.35
C THR A 290 23.07 7.82 -10.26
N THR A 291 22.41 8.95 -9.99
CA THR A 291 22.93 9.97 -9.07
C THR A 291 21.85 10.32 -8.05
N PHE A 292 22.28 10.51 -6.81
CA PHE A 292 21.37 10.80 -5.70
C PHE A 292 21.97 11.96 -4.92
N ALA A 293 21.15 13.00 -4.73
CA ALA A 293 21.59 14.18 -4.01
C ALA A 293 20.54 14.61 -3.01
N THR A 294 20.98 15.28 -1.95
CA THR A 294 20.05 15.98 -1.05
C THR A 294 20.37 17.46 -1.00
N LEU A 295 19.37 18.24 -0.62
CA LEU A 295 19.50 19.66 -0.49
C LEU A 295 18.72 20.12 0.72
N ASP A 296 19.41 20.77 1.65
CA ASP A 296 18.78 21.21 2.86
C ASP A 296 18.55 22.69 2.75
N ILE A 297 17.29 23.07 2.75
CA ILE A 297 16.90 24.47 2.81
C ILE A 297 16.02 24.73 4.01
N ASP A 298 16.54 25.47 4.97
CA ASP A 298 15.74 25.96 6.09
C ASP A 298 15.00 24.82 6.78
N GLY A 299 15.77 23.84 7.25
CA GLY A 299 15.21 22.75 8.03
C GLY A 299 14.41 21.75 7.23
N VAL A 300 14.34 21.92 5.91
CA VAL A 300 13.68 20.96 5.03
C VAL A 300 14.68 20.27 4.11
N ARG A 301 14.64 18.94 4.07
CA ARG A 301 15.50 18.19 3.15
C ARG A 301 14.75 17.79 1.88
N LYS A 302 15.23 18.30 0.75
CA LYS A 302 14.73 17.88 -0.57
C LYS A 302 15.57 16.73 -1.06
N ILE A 303 14.98 15.79 -1.80
CA ILE A 303 15.79 14.73 -2.38
CA ILE A 303 15.70 14.70 -2.40
C ILE A 303 15.66 14.76 -3.90
N ILE A 304 16.80 14.52 -4.53
CA ILE A 304 16.95 14.62 -5.97
C ILE A 304 17.52 13.31 -6.51
N PHE A 305 16.81 12.70 -7.45
CA PHE A 305 17.32 11.53 -8.14
C PHE A 305 17.58 11.95 -9.58
N ALA A 306 18.82 11.83 -10.05
CA ALA A 306 19.15 12.08 -11.44
C ALA A 306 19.39 10.71 -12.08
N LEU A 307 18.37 10.24 -12.79
CA LEU A 307 18.36 8.88 -13.33
C LEU A 307 18.92 8.88 -14.74
N PRO A 308 19.43 7.72 -15.18
CA PRO A 308 19.94 7.65 -16.57
C PRO A 308 18.88 7.98 -17.61
N GLY A 309 19.32 8.51 -18.74
CA GLY A 309 18.43 8.79 -19.85
C GLY A 309 17.89 7.55 -20.53
N ASN A 310 18.64 6.44 -20.49
CA ASN A 310 18.18 5.23 -21.15
C ASN A 310 16.83 4.81 -20.60
N PRO A 311 15.83 4.59 -21.49
CA PRO A 311 14.51 4.36 -20.88
C PRO A 311 14.39 3.11 -20.01
N VAL A 312 15.07 2.05 -20.38
CA VAL A 312 15.07 0.87 -19.53
C VAL A 312 15.77 1.18 -18.20
N SER A 313 16.94 1.83 -18.23
CA SER A 313 17.66 2.14 -16.99
C SER A 313 16.85 3.03 -16.08
N ALA A 314 16.19 4.03 -16.65
CA ALA A 314 15.39 4.94 -15.86
C ALA A 314 14.29 4.21 -15.04
N VAL A 315 13.57 3.28 -15.67
N VAL A 315 13.56 3.30 -15.67
CA VAL A 315 12.48 2.60 -14.95
CA VAL A 315 12.47 2.60 -14.94
C VAL A 315 12.98 1.57 -13.91
C VAL A 315 12.97 1.55 -13.92
N VAL A 316 14.09 0.90 -14.19
CA VAL A 316 14.66 -0.03 -13.22
C VAL A 316 15.15 0.71 -11.94
N THR A 317 15.85 1.80 -12.16
CA THR A 317 16.38 2.56 -11.03
C THR A 317 15.25 3.24 -10.27
N CYS A 318 14.17 3.64 -10.94
CA CYS A 318 13.04 4.19 -10.23
C CYS A 318 12.49 3.18 -9.21
N ASN A 319 12.37 1.93 -9.62
CA ASN A 319 11.88 0.91 -8.74
C ASN A 319 12.84 0.53 -7.60
N LEU A 320 14.14 0.50 -7.88
CA LEU A 320 15.12 0.14 -6.86
C LEU A 320 15.38 1.22 -5.82
N PHE A 321 15.42 2.48 -6.25
CA PHE A 321 15.85 3.57 -5.37
C PHE A 321 14.73 4.55 -5.02
N VAL A 322 13.94 4.96 -6.01
CA VAL A 322 12.98 6.03 -5.79
C VAL A 322 11.81 5.53 -4.95
N VAL A 323 11.20 4.41 -5.33
CA VAL A 323 10.02 3.94 -4.60
C VAL A 323 10.32 3.69 -3.11
N PRO A 324 11.43 3.01 -2.76
CA PRO A 324 11.71 2.87 -1.32
C PRO A 324 11.88 4.22 -0.61
N ALA A 325 12.53 5.19 -1.23
CA ALA A 325 12.62 6.52 -0.61
C ALA A 325 11.23 7.14 -0.37
N LEU A 326 10.36 7.06 -1.37
CA LEU A 326 9.00 7.60 -1.22
C LEU A 326 8.24 6.91 -0.07
N ARG A 327 8.44 5.61 0.06
CA ARG A 327 7.81 4.84 1.14
C ARG A 327 8.30 5.34 2.49
N LYS A 328 9.60 5.61 2.61
CA LYS A 328 10.09 6.16 3.86
C LYS A 328 9.48 7.56 4.10
N MET A 329 9.44 8.39 3.05
CA MET A 329 8.95 9.76 3.23
C MET A 329 7.50 9.76 3.72
N GLN A 330 6.68 8.83 3.22
CA GLN A 330 5.27 8.79 3.63
C GLN A 330 5.07 8.03 4.93
N GLY A 331 6.16 7.74 5.64
CA GLY A 331 6.03 7.26 7.00
C GLY A 331 6.07 5.76 7.21
N ILE A 332 6.27 4.97 6.15
CA ILE A 332 6.31 3.53 6.30
C ILE A 332 7.59 3.14 7.07
N LEU A 333 7.43 2.43 8.17
CA LEU A 333 8.55 2.23 9.08
C LEU A 333 9.67 1.38 8.46
N ASP A 334 9.30 0.31 7.75
CA ASP A 334 10.25 -0.54 7.04
C ASP A 334 9.93 -0.38 5.55
N PRO A 335 10.66 0.52 4.89
CA PRO A 335 10.31 0.87 3.51
C PRO A 335 10.89 -0.03 2.45
N ARG A 336 11.50 -1.13 2.86
CA ARG A 336 12.10 -2.05 1.91
C ARG A 336 11.07 -2.65 0.99
N PRO A 337 11.49 -2.89 -0.25
CA PRO A 337 10.61 -3.61 -1.17
C PRO A 337 10.42 -5.08 -0.78
N THR A 338 9.28 -5.64 -1.19
CA THR A 338 9.03 -7.07 -1.08
C THR A 338 9.83 -7.82 -2.13
N ILE A 339 10.66 -8.75 -1.68
CA ILE A 339 11.46 -9.57 -2.55
C ILE A 339 11.03 -11.00 -2.30
N ILE A 340 10.69 -11.67 -3.40
CA ILE A 340 10.24 -13.05 -3.31
C ILE A 340 11.18 -13.95 -4.08
N LYS A 341 11.00 -15.24 -3.86
CA LYS A 341 11.77 -16.27 -4.57
C LYS A 341 10.96 -16.84 -5.74
N ALA A 342 11.64 -16.99 -6.87
CA ALA A 342 11.01 -17.52 -8.07
C ALA A 342 11.99 -18.36 -8.88
N ARG A 343 11.44 -19.22 -9.72
CA ARG A 343 12.25 -20.06 -10.62
CA ARG A 343 12.24 -20.05 -10.62
C ARG A 343 12.44 -19.36 -11.96
N LEU A 344 13.69 -19.35 -12.45
CA LEU A 344 13.97 -18.79 -13.78
C LEU A 344 13.32 -19.62 -14.87
N SER A 345 12.65 -18.96 -15.80
CA SER A 345 12.08 -19.65 -16.95
C SER A 345 13.11 -19.92 -18.04
N CYS A 346 14.20 -19.13 -18.04
CA CYS A 346 15.26 -19.27 -19.06
C CYS A 346 16.66 -19.16 -18.44
N ASP A 347 17.66 -19.78 -19.07
CA ASP A 347 19.05 -19.54 -18.70
C ASP A 347 19.35 -18.05 -18.84
N VAL A 348 20.27 -17.57 -18.01
CA VAL A 348 20.69 -16.18 -18.08
C VAL A 348 22.17 -16.07 -17.75
N LYS A 349 22.84 -15.20 -18.48
CA LYS A 349 24.26 -14.97 -18.30
C LYS A 349 24.45 -13.89 -17.23
N LEU A 350 25.39 -14.11 -16.32
CA LEU A 350 25.69 -13.14 -15.27
C LEU A 350 26.79 -12.17 -15.70
N ASP A 351 26.78 -11.00 -15.06
CA ASP A 351 27.64 -9.89 -15.41
C ASP A 351 28.55 -9.63 -14.21
N PRO A 352 29.67 -8.93 -14.40
CA PRO A 352 30.41 -8.58 -13.18
C PRO A 352 29.59 -7.69 -12.23
N ARG A 353 28.62 -6.97 -12.78
CA ARG A 353 27.71 -6.18 -11.96
C ARG A 353 26.45 -6.96 -11.61
N PRO A 354 25.85 -6.68 -10.45
CA PRO A 354 24.50 -7.21 -10.24
C PRO A 354 23.59 -6.65 -11.32
N GLU A 355 22.67 -7.47 -11.83
CA GLU A 355 21.87 -7.05 -12.96
C GLU A 355 20.40 -7.23 -12.67
N TYR A 356 19.62 -6.36 -13.29
CA TYR A 356 18.21 -6.23 -13.01
C TYR A 356 17.43 -6.22 -14.31
N HIS A 357 16.29 -6.88 -14.32
CA HIS A 357 15.47 -6.86 -15.52
C HIS A 357 14.01 -7.10 -15.18
N ARG A 358 13.12 -6.37 -15.86
CA ARG A 358 11.69 -6.55 -15.69
C ARG A 358 11.27 -7.97 -16.05
N CYS A 359 10.30 -8.50 -15.31
CA CYS A 359 9.84 -9.87 -15.57
C CYS A 359 8.38 -10.04 -15.20
N ILE A 360 7.85 -11.18 -15.61
CA ILE A 360 6.50 -11.59 -15.24
C ILE A 360 6.56 -12.81 -14.34
N LEU A 361 5.84 -12.70 -13.23
CA LEU A 361 5.71 -13.77 -12.23
C LEU A 361 4.40 -14.51 -12.44
N THR A 362 4.47 -15.84 -12.54
CA THR A 362 3.30 -16.67 -12.79
C THR A 362 3.37 -17.93 -11.93
N TRP A 363 2.25 -18.28 -11.29
CA TRP A 363 2.15 -19.56 -10.58
C TRP A 363 1.61 -20.65 -11.51
N HIS A 364 2.20 -21.85 -11.45
CA HIS A 364 1.81 -22.95 -12.34
C HIS A 364 1.10 -24.07 -11.58
N HIS A 365 -0.21 -24.17 -11.79
CA HIS A 365 -1.07 -25.14 -11.10
C HIS A 365 -0.68 -25.25 -9.62
N GLN A 366 -0.17 -26.40 -9.19
CA GLN A 366 0.08 -26.60 -7.76
C GLN A 366 1.53 -26.41 -7.36
N GLU A 367 2.37 -25.90 -8.27
CA GLU A 367 3.78 -25.75 -7.95
C GLU A 367 3.96 -24.61 -6.96
N PRO A 368 4.79 -24.83 -5.93
CA PRO A 368 4.87 -23.87 -4.83
C PRO A 368 5.55 -22.55 -5.20
N LEU A 369 6.56 -22.56 -6.06
CA LEU A 369 7.23 -21.32 -6.41
C LEU A 369 6.75 -20.78 -7.73
N PRO A 370 6.61 -19.46 -7.83
CA PRO A 370 6.27 -18.91 -9.14
C PRO A 370 7.45 -19.00 -10.08
N TRP A 371 7.14 -18.88 -11.36
CA TRP A 371 8.14 -18.78 -12.41
C TRP A 371 8.30 -17.33 -12.80
N ALA A 372 9.53 -16.95 -13.05
CA ALA A 372 9.87 -15.61 -13.52
C ALA A 372 10.39 -15.66 -14.94
N GLN A 373 9.70 -14.93 -15.80
CA GLN A 373 10.08 -14.84 -17.20
C GLN A 373 10.41 -13.41 -17.54
N SER A 374 11.66 -13.21 -17.90
CA SER A 374 12.12 -11.90 -18.32
C SER A 374 11.28 -11.40 -19.49
N THR A 375 10.94 -10.12 -19.46
CA THR A 375 10.19 -9.50 -20.55
C THR A 375 11.04 -9.39 -21.81
N GLY A 376 10.36 -9.29 -22.95
CA GLY A 376 11.01 -9.01 -24.22
C GLY A 376 11.48 -10.22 -25.00
N ASN A 377 11.38 -11.41 -24.40
CA ASN A 377 12.03 -12.61 -24.94
C ASN A 377 11.06 -13.72 -25.37
N GLN A 378 9.81 -13.35 -25.63
CA GLN A 378 8.76 -14.29 -26.03
C GLN A 378 8.87 -15.66 -25.36
N SER A 381 5.32 -17.13 -25.43
CA SER A 381 4.02 -17.22 -26.10
C SER A 381 3.42 -15.83 -26.31
N ARG A 382 2.39 -15.79 -27.15
CA ARG A 382 1.63 -14.59 -27.43
C ARG A 382 1.09 -13.94 -26.15
N LEU A 383 0.37 -14.72 -25.37
CA LEU A 383 -0.24 -14.24 -24.13
C LEU A 383 0.78 -13.73 -23.12
N MET A 384 1.91 -14.43 -22.98
CA MET A 384 2.94 -14.01 -22.03
C MET A 384 3.63 -12.74 -22.52
N SER A 385 3.80 -12.61 -23.84
CA SER A 385 4.42 -11.42 -24.39
C SER A 385 3.52 -10.18 -24.20
N MET A 386 2.28 -10.42 -23.82
CA MET A 386 1.31 -9.35 -23.58
C MET A 386 1.22 -8.92 -22.14
N ARG A 387 1.76 -9.71 -21.20
CA ARG A 387 1.52 -9.37 -19.80
C ARG A 387 2.40 -8.22 -19.35
N SER A 388 1.85 -7.38 -18.46
CA SER A 388 2.61 -6.25 -17.89
C SER A 388 3.52 -6.73 -16.77
N ALA A 389 4.71 -6.16 -16.68
CA ALA A 389 5.72 -6.62 -15.72
C ALA A 389 5.26 -6.42 -14.28
N ASN A 390 5.35 -7.49 -13.48
CA ASN A 390 5.07 -7.39 -12.05
C ASN A 390 6.25 -7.73 -11.19
N GLY A 391 7.40 -7.98 -11.80
CA GLY A 391 8.60 -8.33 -11.06
C GLY A 391 9.84 -7.65 -11.64
N LEU A 392 10.87 -7.54 -10.81
CA LEU A 392 12.18 -7.14 -11.26
C LEU A 392 13.15 -8.22 -10.82
N LEU A 393 13.65 -9.01 -11.78
CA LEU A 393 14.71 -9.97 -11.53
CA LEU A 393 14.72 -9.97 -11.52
C LEU A 393 15.93 -9.28 -10.90
N MET A 394 16.48 -9.87 -9.85
CA MET A 394 17.66 -9.34 -9.18
C MET A 394 18.74 -10.42 -9.21
N LEU A 395 19.63 -10.31 -10.17
CA LEU A 395 20.59 -11.39 -10.41
C LEU A 395 21.94 -11.03 -9.83
N PRO A 396 22.63 -12.01 -9.25
CA PRO A 396 23.89 -11.76 -8.57
C PRO A 396 25.04 -11.50 -9.53
N PRO A 397 26.10 -10.84 -9.05
CA PRO A 397 27.29 -10.74 -9.89
C PRO A 397 27.89 -12.10 -10.16
N LYS A 398 28.49 -12.26 -11.34
CA LYS A 398 29.16 -13.50 -11.66
C LYS A 398 30.38 -13.64 -10.77
N THR A 399 30.83 -14.88 -10.61
CA THR A 399 32.03 -15.20 -9.87
C THR A 399 32.87 -16.09 -10.79
N GLU A 400 34.15 -16.25 -10.49
CA GLU A 400 34.98 -17.17 -11.27
C GLU A 400 34.35 -18.57 -11.24
N GLN A 401 33.52 -18.83 -10.24
CA GLN A 401 32.71 -20.05 -10.17
C GLN A 401 31.45 -20.01 -11.04
N TYR A 402 30.49 -19.16 -10.67
CA TYR A 402 29.18 -19.11 -11.33
C TYR A 402 29.07 -17.97 -12.33
N VAL A 403 28.83 -18.35 -13.58
CA VAL A 403 28.89 -17.45 -14.72
C VAL A 403 27.53 -17.40 -15.41
N GLU A 404 26.66 -18.32 -15.03
CA GLU A 404 25.41 -18.54 -15.73
C GLU A 404 24.43 -19.16 -14.76
N LEU A 405 23.19 -18.71 -14.80
CA LEU A 405 22.13 -19.36 -14.07
C LEU A 405 21.23 -20.07 -15.05
N HIS A 406 20.66 -21.20 -14.62
CA HIS A 406 19.89 -22.03 -15.52
C HIS A 406 18.39 -22.02 -15.22
N LYS A 407 17.60 -22.30 -16.25
CA LYS A 407 16.17 -22.52 -16.08
C LYS A 407 15.89 -23.42 -14.86
N GLY A 408 14.99 -22.96 -13.99
CA GLY A 408 14.55 -23.77 -12.86
C GLY A 408 15.14 -23.28 -11.56
N GLU A 409 16.28 -22.62 -11.66
CA GLU A 409 16.99 -22.17 -10.47
C GLU A 409 16.28 -21.00 -9.80
N VAL A 410 16.41 -20.97 -8.48
CA VAL A 410 15.68 -20.03 -7.64
C VAL A 410 16.43 -18.72 -7.49
N VAL A 411 15.75 -17.63 -7.84
CA VAL A 411 16.31 -16.30 -7.84
C VAL A 411 15.41 -15.32 -7.09
N ASP A 412 16.01 -14.19 -6.73
CA ASP A 412 15.28 -13.08 -6.10
C ASP A 412 14.55 -12.24 -7.13
N VAL A 413 13.29 -11.92 -6.83
CA VAL A 413 12.50 -11.02 -7.68
C VAL A 413 11.81 -9.97 -6.81
N MET A 414 12.06 -8.71 -7.09
CA MET A 414 11.37 -7.63 -6.42
C MET A 414 9.97 -7.48 -7.00
N VAL A 415 8.96 -7.41 -6.16
CA VAL A 415 7.61 -7.22 -6.66
C VAL A 415 7.42 -5.75 -7.05
N ILE A 416 7.00 -5.47 -8.28
CA ILE A 416 6.78 -4.08 -8.70
C ILE A 416 5.40 -3.84 -9.29
N GLY A 417 4.63 -4.91 -9.45
CA GLY A 417 3.23 -4.78 -9.85
C GLY A 417 2.41 -5.68 -8.96
N ARG A 418 1.08 -5.53 -8.98
CA ARG A 418 0.23 -6.46 -8.28
C ARG A 418 0.62 -7.89 -8.65
N LEU A 419 0.73 -8.73 -7.62
CA LEU A 419 1.10 -10.17 -7.68
C LEU A 419 2.51 -10.40 -7.15
C ACT B . 32.88 -1.99 -6.68
O ACT B . 33.38 -1.39 -5.70
OXT ACT B . 31.63 -2.00 -6.73
CH3 ACT B . 33.73 -2.63 -7.73
H1 ACT B . 34.78 -2.50 -7.49
H2 ACT B . 33.52 -2.19 -8.71
H3 ACT B . 33.50 -3.71 -7.77
C ACT C . 2.84 -8.28 -29.48
O ACT C . 3.72 -8.98 -30.04
OXT ACT C . 2.01 -8.90 -28.78
CH3 ACT C . 2.79 -6.79 -29.64
H1 ACT C . 3.61 -6.47 -30.29
H2 ACT C . 2.90 -6.32 -28.66
H3 ACT C . 1.84 -6.51 -30.08
C ACT D . 18.63 -4.35 -2.58
O ACT D . 19.51 -3.48 -2.74
OXT ACT D . 19.04 -5.54 -2.59
CH3 ACT D . 17.18 -4.00 -2.37
H1 ACT D . 16.60 -4.92 -2.26
H2 ACT D . 17.08 -3.38 -1.48
H3 ACT D . 16.81 -3.44 -3.25
C ACT E . 5.66 20.95 -0.91
O ACT E . 6.86 21.25 -1.11
OXT ACT E . 5.16 20.10 -1.68
CH3 ACT E . 4.86 21.59 0.17
H1 ACT E . 5.49 22.30 0.71
H2 ACT E . 4.01 22.11 -0.26
H3 ACT E . 4.51 20.83 0.87
C ACT F . 16.77 12.43 8.53
O ACT F . 17.31 12.99 9.51
OXT ACT F . 15.75 11.74 8.78
CH3 ACT F . 17.32 12.59 7.14
H1 ACT F . 16.70 12.03 6.44
H2 ACT F . 17.31 13.65 6.87
H3 ACT F . 18.34 12.22 7.11
C ACT G . 4.76 10.74 15.11
O ACT G . 4.93 11.50 14.12
OXT ACT G . 4.70 11.29 16.23
CH3 ACT G . 4.62 9.26 14.95
H1 ACT G . 4.69 9.00 13.89
H2 ACT G . 5.41 8.76 15.51
H3 ACT G . 3.64 8.95 15.33
C ACT H . 17.52 18.36 7.54
O ACT H . 18.71 18.02 7.68
OXT ACT H . 16.66 17.53 7.94
CH3 ACT H . 17.11 19.67 6.95
H1 ACT H . 16.02 19.75 6.94
H2 ACT H . 17.49 19.76 5.93
H3 ACT H . 17.52 20.49 7.56
C ACT I . -10.19 -5.47 16.81
O ACT I . -10.03 -4.30 17.19
OXT ACT I . -11.14 -5.68 16.02
CH3 ACT I . -9.28 -6.60 17.24
H1 ACT I . -9.61 -7.53 16.78
H2 ACT I . -9.33 -6.70 18.32
H3 ACT I . -8.25 -6.38 16.94
C ACT J . 19.56 -9.63 -18.42
O ACT J . 20.63 -9.19 -17.93
OXT ACT J . 18.56 -9.56 -17.67
CH3 ACT J . 19.47 -10.19 -19.81
H1 ACT J . 20.46 -10.14 -20.27
H2 ACT J . 18.77 -9.60 -20.40
H3 ACT J . 19.14 -11.22 -19.76
C ACT K . 32.05 -0.72 -15.69
O ACT K . 32.28 0.24 -14.92
OXT ACT K . 32.34 -1.85 -15.26
CH3 ACT K . 31.47 -0.51 -17.06
H1 ACT K . 31.29 0.56 -17.22
H2 ACT K . 30.52 -1.04 -17.12
H3 ACT K . 32.15 -0.89 -17.81
C1 MPD L . 11.11 1.91 -21.62
C2 MPD L . 9.87 1.24 -22.22
O2 MPD L . 10.10 -0.19 -22.29
CM MPD L . 8.65 1.45 -21.33
C3 MPD L . 9.49 1.80 -23.61
C4 MPD L . 10.49 1.65 -24.77
O4 MPD L . 11.84 1.57 -24.34
C5 MPD L . 10.20 0.46 -25.67
H11 MPD L . 11.48 2.66 -22.31
H12 MPD L . 11.88 1.16 -21.45
H13 MPD L . 10.85 2.38 -20.67
HO2 MPD L . 9.96 -0.51 -23.20
HM1 MPD L . 7.86 1.94 -21.91
HM2 MPD L . 8.93 2.08 -20.48
HM3 MPD L . 8.30 0.49 -20.97
H31 MPD L . 9.29 2.86 -23.48
H32 MPD L . 8.56 1.33 -23.91
H4 MPD L . 10.39 2.55 -25.38
HO4 MPD L . 12.39 2.14 -24.92
H51 MPD L . 11.09 -0.15 -25.76
H52 MPD L . 9.90 0.81 -26.65
H53 MPD L . 9.40 -0.13 -25.24
C1 MPD M . -27.69 -9.99 28.53
C2 MPD M . -28.05 -9.55 29.95
O2 MPD M . -28.96 -10.53 30.50
CM MPD M . -26.83 -9.52 30.87
C3 MPD M . -28.72 -8.17 29.99
C4 MPD M . -30.02 -8.09 29.18
O4 MPD M . -31.05 -8.87 29.79
C5 MPD M . -30.45 -6.62 29.09
H11 MPD M . -27.99 -9.21 27.82
H12 MPD M . -28.21 -10.91 28.29
H13 MPD M . -26.61 -10.14 28.44
HO2 MPD M . -29.79 -10.08 30.76
HM1 MPD M . -26.75 -8.53 31.33
HM2 MPD M . -25.93 -9.74 30.31
HM3 MPD M . -26.95 -10.26 31.66
H31 MPD M . -28.92 -7.91 31.02
H32 MPD M . -28.02 -7.43 29.59
H4 MPD M . -29.83 -8.45 28.17
HO4 MPD M . -31.38 -8.40 30.59
H51 MPD M . -31.46 -6.51 29.51
H52 MPD M . -30.46 -6.31 28.05
H53 MPD M . -29.76 -6.00 29.65
#